data_4GF3
#
_entry.id   4GF3
#
_cell.length_a   70.525
_cell.length_b   70.525
_cell.length_c   71.517
_cell.angle_alpha   90.00
_cell.angle_beta   90.00
_cell.angle_gamma   90.00
#
_symmetry.space_group_name_H-M   'P 41 21 2'
#
loop_
_entity.id
_entity.type
_entity.pdbx_description
1 polymer 'Putative yopH targeting protein'
2 polymer 'Tyrosine-protein phosphatase yopH'
3 water water
#
loop_
_entity_poly.entity_id
_entity_poly.type
_entity_poly.pdbx_seq_one_letter_code
_entity_poly.pdbx_strand_id
1 'polypeptide(L)'
;MRTYSSLLEEFATELGLEEIETNELGHGAVTIDKIWVVHLAPINEKELVAFMRAGILTGQSQLYDILRKNLFSPLSGVIR
CALDKDDHWLLWSQLNINDTSGTQLASVLTSLVDKAVTLSCEPTMKKEEDDHRPSSSHLLV
;
A
2 'polypeptide(L)' GDCTGKLRGNVAANKETTFQGLTIASGARESEKVFAQTVLSHV B
#
# COMPACT_ATOMS: atom_id res chain seq x y z
N ARG A 2 -18.51 8.18 0.22
CA ARG A 2 -17.08 8.55 0.15
C ARG A 2 -16.67 8.52 -1.31
N THR A 3 -15.75 9.37 -1.74
CA THR A 3 -15.09 9.16 -3.02
C THR A 3 -13.62 8.77 -2.85
N TYR A 4 -13.01 8.22 -3.90
CA TYR A 4 -11.58 7.94 -3.88
C TYR A 4 -10.76 9.15 -3.39
N SER A 5 -11.00 10.32 -3.98
CA SER A 5 -10.26 11.50 -3.62
C SER A 5 -10.53 11.95 -2.17
N SER A 6 -11.75 11.77 -1.66
CA SER A 6 -12.02 12.18 -0.28
C SER A 6 -11.36 11.18 0.64
N LEU A 7 -11.28 9.93 0.22
CA LEU A 7 -10.62 8.90 1.02
C LEU A 7 -9.14 9.25 1.12
N LEU A 8 -8.50 9.61 0.02
CA LEU A 8 -7.13 10.03 0.10
C LEU A 8 -6.90 11.23 0.98
N GLU A 9 -7.81 12.22 0.96
CA GLU A 9 -7.73 13.35 1.87
C GLU A 9 -7.74 12.91 3.31
N GLU A 10 -8.67 12.00 3.61
CA GLU A 10 -8.79 11.43 4.96
C GLU A 10 -7.50 10.78 5.40
N PHE A 11 -6.90 10.01 4.50
CA PHE A 11 -5.71 9.25 4.75
C PHE A 11 -4.53 10.17 4.99
N ALA A 12 -4.40 11.24 4.20
CA ALA A 12 -3.38 12.27 4.39
C ALA A 12 -3.51 12.90 5.78
N THR A 13 -4.71 13.34 6.13
CA THR A 13 -4.96 13.86 7.44
C THR A 13 -4.61 12.89 8.58
N GLU A 14 -5.01 11.64 8.46
CA GLU A 14 -4.62 10.57 9.42
C GLU A 14 -3.10 10.46 9.60
N LEU A 15 -2.37 10.50 8.49
CA LEU A 15 -0.92 10.44 8.54
C LEU A 15 -0.26 11.74 8.94
N GLY A 16 -0.97 12.87 8.90
CA GLY A 16 -0.36 14.16 9.12
C GLY A 16 0.37 14.76 7.91
N LEU A 17 0.02 14.33 6.69
CA LEU A 17 0.46 15.01 5.46
C LEU A 17 -0.56 16.00 4.95
N GLU A 18 -0.09 17.05 4.25
CA GLU A 18 -1.01 18.02 3.67
C GLU A 18 -1.85 17.42 2.55
N GLU A 19 -1.28 16.51 1.75
CA GLU A 19 -2.00 16.03 0.58
C GLU A 19 -1.33 14.78 0.07
N ILE A 20 -2.07 13.82 -0.47
CA ILE A 20 -1.40 12.71 -1.20
C ILE A 20 -1.75 12.98 -2.63
N GLU A 21 -0.83 13.58 -3.35
CA GLU A 21 -1.10 13.91 -4.74
C GLU A 21 -1.33 12.66 -5.57
N THR A 22 -2.21 12.74 -6.56
CA THR A 22 -2.37 11.59 -7.50
C THR A 22 -2.25 12.04 -8.98
N ASN A 23 -1.74 11.15 -9.83
CA ASN A 23 -1.66 11.47 -11.26
C ASN A 23 -3.06 11.35 -11.90
N GLU A 24 -3.10 11.32 -13.24
CA GLU A 24 -4.32 11.30 -14.05
C GLU A 24 -5.27 10.14 -13.73
N LEU A 25 -4.71 9.00 -13.35
CA LEU A 25 -5.46 7.81 -13.15
C LEU A 25 -5.63 7.55 -11.69
N GLY A 26 -5.24 8.51 -10.89
CA GLY A 26 -5.44 8.40 -9.44
C GLY A 26 -4.36 7.67 -8.70
N HIS A 27 -3.22 7.46 -9.36
CA HIS A 27 -2.09 6.77 -8.75
C HIS A 27 -1.36 7.77 -7.88
N GLY A 28 -1.19 7.38 -6.64
CA GLY A 28 -0.53 8.21 -5.62
C GLY A 28 0.52 7.36 -4.90
N ALA A 29 1.38 8.01 -4.08
CA ALA A 29 2.44 7.28 -3.38
C ALA A 29 2.90 8.02 -2.10
N VAL A 30 3.34 7.22 -1.13
CA VAL A 30 3.96 7.68 0.02
C VAL A 30 5.32 6.99 0.07
N THR A 31 6.38 7.79 0.35
CA THR A 31 7.71 7.29 0.62
C THR A 31 7.94 7.16 2.12
N ILE A 32 8.43 5.99 2.49
CA ILE A 32 8.62 5.61 3.87
C ILE A 32 10.09 5.36 4.20
N ASP A 33 10.58 6.12 5.16
CA ASP A 33 11.98 6.07 5.61
C ASP A 33 12.94 6.22 4.39
N LYS A 34 12.54 7.14 3.51
CA LYS A 34 13.28 7.52 2.31
C LYS A 34 13.38 6.41 1.29
N ILE A 35 13.10 5.16 1.62
CA ILE A 35 13.39 4.07 0.68
C ILE A 35 12.19 3.24 0.23
N TRP A 36 11.22 2.96 1.10
CA TRP A 36 10.11 2.19 0.71
C TRP A 36 9.01 3.10 0.13
N VAL A 37 8.25 2.54 -0.79
CA VAL A 37 7.15 3.29 -1.40
C VAL A 37 5.90 2.46 -1.41
N VAL A 38 4.83 2.99 -0.80
CA VAL A 38 3.55 2.39 -0.84
C VAL A 38 2.78 3.19 -1.87
N HIS A 39 2.27 2.45 -2.84
CA HIS A 39 1.47 3.01 -3.94
C HIS A 39 -0.01 2.80 -3.68
N LEU A 40 -0.79 3.79 -4.08
CA LEU A 40 -2.25 3.80 -3.96
C LEU A 40 -2.88 4.04 -5.32
N ALA A 41 -3.89 3.27 -5.70
CA ALA A 41 -4.61 3.47 -6.95
C ALA A 41 -6.01 2.90 -6.92
N PRO A 42 -6.94 3.52 -7.62
CA PRO A 42 -8.24 2.88 -7.87
C PRO A 42 -8.01 1.72 -8.88
N ILE A 43 -8.69 0.61 -8.70
CA ILE A 43 -8.56 -0.49 -9.62
C ILE A 43 -9.78 -0.86 -10.41
N ASN A 44 -10.93 -0.44 -9.88
CA ASN A 44 -12.19 -0.55 -10.53
C ASN A 44 -13.06 0.51 -9.89
N GLU A 45 -14.30 0.58 -10.32
CA GLU A 45 -15.24 1.57 -9.81
C GLU A 45 -15.34 1.61 -8.25
N LYS A 46 -15.27 0.46 -7.59
CA LYS A 46 -15.57 0.33 -6.14
C LYS A 46 -14.37 0.12 -5.21
N GLU A 47 -13.19 -0.15 -5.78
CA GLU A 47 -12.07 -0.69 -5.01
C GLU A 47 -10.79 0.03 -5.29
N LEU A 48 -9.94 0.09 -4.29
CA LEU A 48 -8.59 0.55 -4.49
C LEU A 48 -7.60 -0.48 -4.01
N VAL A 49 -6.35 -0.25 -4.38
CA VAL A 49 -5.25 -1.04 -3.83
C VAL A 49 -4.19 -0.17 -3.25
N ALA A 50 -3.50 -0.74 -2.26
CA ALA A 50 -2.30 -0.21 -1.68
C ALA A 50 -1.26 -1.29 -1.79
N PHE A 51 -0.11 -0.94 -2.30
CA PHE A 51 0.91 -1.97 -2.60
C PHE A 51 2.32 -1.44 -2.61
N MET A 52 3.27 -2.35 -2.39
CA MET A 52 4.69 -2.00 -2.37
C MET A 52 5.55 -3.17 -2.88
N ARG A 53 6.66 -2.83 -3.52
CA ARG A 53 7.70 -3.80 -3.81
C ARG A 53 8.62 -3.88 -2.60
N ALA A 54 8.81 -5.09 -2.14
CA ALA A 54 9.76 -5.35 -1.08
C ALA A 54 11.03 -6.07 -1.63
N GLY A 55 11.72 -6.83 -0.77
CA GLY A 55 13.01 -7.44 -1.13
C GLY A 55 12.90 -8.76 -1.85
N ILE A 56 14.02 -9.25 -2.32
CA ILE A 56 14.08 -10.52 -3.02
C ILE A 56 13.70 -11.69 -2.09
N LEU A 57 13.06 -12.74 -2.62
CA LEU A 57 12.76 -13.87 -1.76
C LEU A 57 13.99 -14.49 -1.17
N THR A 58 13.92 -14.89 0.08
CA THR A 58 15.09 -15.42 0.80
C THR A 58 15.28 -16.92 0.55
N GLY A 59 14.18 -17.65 0.35
CA GLY A 59 14.30 -19.08 0.16
C GLY A 59 12.95 -19.76 0.04
N GLN A 60 12.99 -21.07 -0.23
CA GLN A 60 11.78 -21.90 -0.42
C GLN A 60 10.84 -21.88 0.80
N SER A 61 11.45 -21.87 1.99
CA SER A 61 10.77 -21.67 3.27
C SER A 61 9.78 -20.50 3.24
N GLN A 62 10.14 -19.34 2.65
CA GLN A 62 9.19 -18.25 2.66
C GLN A 62 7.99 -18.54 1.79
N LEU A 63 8.16 -19.26 0.69
CA LEU A 63 7.07 -19.43 -0.24
C LEU A 63 5.97 -20.24 0.45
N TYR A 64 6.37 -21.27 1.19
CA TYR A 64 5.40 -22.06 1.99
C TYR A 64 4.74 -21.20 3.04
N ASP A 65 5.54 -20.49 3.83
CA ASP A 65 4.99 -19.62 4.86
C ASP A 65 3.94 -18.71 4.27
N ILE A 66 4.22 -18.04 3.16
CA ILE A 66 3.26 -17.11 2.57
C ILE A 66 2.00 -17.84 2.05
N LEU A 67 2.22 -18.96 1.35
CA LEU A 67 1.08 -19.72 0.82
C LEU A 67 0.21 -20.32 1.90
N ARG A 68 0.78 -20.79 3.01
CA ARG A 68 -0.02 -21.32 4.13
C ARG A 68 -0.98 -20.24 4.73
N LYS A 69 -0.64 -18.99 4.51
CA LYS A 69 -1.38 -17.86 5.04
C LYS A 69 -2.30 -17.23 3.96
N ASN A 70 -2.24 -17.72 2.75
CA ASN A 70 -2.95 -17.07 1.62
C ASN A 70 -4.38 -17.56 1.50
N LEU A 71 -5.11 -17.46 2.59
CA LEU A 71 -6.42 -18.08 2.70
C LEU A 71 -7.42 -16.93 2.77
N PHE A 72 -8.63 -17.19 2.33
CA PHE A 72 -9.73 -16.25 2.47
C PHE A 72 -9.92 -15.80 3.88
N SER A 73 -10.44 -14.55 4.01
CA SER A 73 -10.63 -13.94 5.31
C SER A 73 -11.90 -13.09 5.35
N PRO A 74 -12.60 -13.07 6.46
CA PRO A 74 -13.70 -12.10 6.58
C PRO A 74 -13.26 -10.71 6.93
N LEU A 75 -11.99 -10.54 7.24
CA LEU A 75 -11.47 -9.21 7.57
C LEU A 75 -11.27 -8.41 6.32
N SER A 76 -11.13 -7.09 6.46
CA SER A 76 -10.64 -6.26 5.36
C SER A 76 -9.22 -5.78 5.64
N GLY A 77 -8.62 -5.18 4.60
CA GLY A 77 -7.21 -4.73 4.69
C GLY A 77 -6.16 -5.83 4.95
N VAL A 78 -6.38 -7.03 4.43
CA VAL A 78 -5.53 -8.19 4.60
C VAL A 78 -4.36 -8.01 3.62
N ILE A 79 -3.17 -8.27 4.12
CA ILE A 79 -2.00 -8.11 3.27
C ILE A 79 -1.73 -9.41 2.52
N ARG A 80 -1.69 -9.35 1.21
CA ARG A 80 -1.39 -10.47 0.38
C ARG A 80 -0.03 -10.28 -0.27
N CYS A 81 0.53 -11.37 -0.80
CA CYS A 81 1.92 -11.35 -1.30
C CYS A 81 1.99 -12.06 -2.61
N ALA A 82 2.52 -11.38 -3.62
CA ALA A 82 2.82 -11.92 -4.93
C ALA A 82 4.35 -11.93 -5.11
N LEU A 83 4.81 -12.61 -6.14
CA LEU A 83 6.18 -12.42 -6.59
C LEU A 83 6.20 -11.80 -7.95
N ASP A 84 7.09 -10.86 -8.09
CA ASP A 84 7.40 -10.34 -9.39
C ASP A 84 8.39 -11.16 -10.16
N LYS A 85 8.68 -10.71 -11.37
CA LYS A 85 9.42 -11.57 -12.30
C LYS A 85 10.87 -11.79 -11.88
N ASP A 86 11.28 -10.99 -10.90
CA ASP A 86 12.61 -11.08 -10.37
C ASP A 86 12.69 -11.63 -8.94
N ASP A 87 11.62 -12.29 -8.54
CA ASP A 87 11.54 -12.97 -7.27
C ASP A 87 11.50 -11.94 -6.10
N HIS A 88 11.19 -10.68 -6.40
CA HIS A 88 10.84 -9.74 -5.31
C HIS A 88 9.41 -9.89 -4.92
N TRP A 89 9.23 -9.78 -3.62
CA TRP A 89 7.92 -9.76 -3.04
C TRP A 89 7.19 -8.48 -3.43
N LEU A 90 5.94 -8.66 -3.79
CA LEU A 90 5.04 -7.55 -4.05
C LEU A 90 3.88 -7.72 -3.07
N LEU A 91 3.79 -6.78 -2.13
CA LEU A 91 2.88 -6.85 -0.98
C LEU A 91 1.72 -5.93 -1.26
N TRP A 92 0.49 -6.39 -1.00
CA TRP A 92 -0.62 -5.64 -1.48
C TRP A 92 -1.89 -5.90 -0.64
N SER A 93 -2.75 -4.90 -0.65
CA SER A 93 -4.08 -5.07 -0.04
C SER A 93 -5.10 -4.40 -0.96
N GLN A 94 -6.28 -5.02 -1.04
CA GLN A 94 -7.36 -4.59 -1.90
C GLN A 94 -8.58 -4.28 -1.05
N LEU A 95 -9.13 -3.10 -1.20
CA LEU A 95 -10.12 -2.52 -0.31
C LEU A 95 -11.26 -1.83 -1.08
N ASN A 96 -12.42 -1.84 -0.47
CA ASN A 96 -13.53 -1.14 -0.91
C ASN A 96 -13.43 0.32 -0.49
N ILE A 97 -13.58 1.19 -1.48
CA ILE A 97 -13.43 2.65 -1.27
C ILE A 97 -14.41 3.16 -0.24
N ASN A 98 -15.66 2.77 -0.38
CA ASN A 98 -16.64 3.24 0.57
C ASN A 98 -16.55 2.57 1.98
N ASP A 99 -16.03 1.37 2.09
CA ASP A 99 -16.07 0.68 3.37
C ASP A 99 -14.80 1.01 4.22
N THR A 100 -13.78 1.67 3.63
CA THR A 100 -12.48 1.75 4.31
C THR A 100 -12.44 3.13 4.98
N SER A 101 -11.46 3.44 5.83
CA SER A 101 -11.30 4.79 6.41
C SER A 101 -9.81 5.16 6.26
N GLY A 102 -9.53 6.44 6.46
CA GLY A 102 -8.16 6.93 6.64
C GLY A 102 -7.39 6.09 7.65
N THR A 103 -8.03 5.77 8.79
CA THR A 103 -7.37 4.90 9.76
C THR A 103 -7.06 3.52 9.31
N GLN A 104 -7.97 2.85 8.60
CA GLN A 104 -7.63 1.55 8.10
C GLN A 104 -6.58 1.62 7.04
N LEU A 105 -6.64 2.66 6.22
CA LEU A 105 -5.59 2.76 5.20
C LEU A 105 -4.20 2.95 5.81
N ALA A 106 -4.14 3.72 6.87
CA ALA A 106 -2.90 3.92 7.61
C ALA A 106 -2.46 2.58 8.24
N SER A 107 -3.39 1.76 8.75
CA SER A 107 -3.02 0.41 9.25
C SER A 107 -2.47 -0.48 8.16
N VAL A 108 -3.09 -0.44 6.99
CA VAL A 108 -2.57 -1.13 5.80
C VAL A 108 -1.15 -0.70 5.49
N LEU A 109 -0.96 0.60 5.50
CA LEU A 109 0.37 1.12 5.19
C LEU A 109 1.44 0.57 6.18
N THR A 110 1.11 0.66 7.44
CA THR A 110 2.07 0.21 8.48
C THR A 110 2.24 -1.33 8.43
N SER A 111 1.20 -2.04 8.06
CA SER A 111 1.29 -3.53 7.94
C SER A 111 2.13 -3.94 6.72
N LEU A 112 1.96 -3.19 5.65
CA LEU A 112 2.75 -3.42 4.43
C LEU A 112 4.22 -3.29 4.76
N VAL A 113 4.56 -2.15 5.40
CA VAL A 113 5.93 -1.86 5.81
C VAL A 113 6.45 -2.93 6.75
N ASP A 114 5.64 -3.32 7.72
CA ASP A 114 6.09 -4.35 8.67
C ASP A 114 6.37 -5.71 8.00
N LYS A 115 5.55 -6.06 7.02
CA LYS A 115 5.69 -7.33 6.26
C LYS A 115 6.97 -7.31 5.47
N ALA A 116 7.24 -6.17 4.84
CA ALA A 116 8.46 -5.96 4.11
C ALA A 116 9.72 -6.17 4.97
N VAL A 117 9.72 -5.55 6.15
CA VAL A 117 10.74 -5.78 7.15
C VAL A 117 10.79 -7.28 7.57
N THR A 118 9.69 -7.86 8.02
CA THR A 118 9.66 -9.28 8.40
C THR A 118 10.17 -10.22 7.29
N LEU A 119 9.87 -9.94 6.03
CA LEU A 119 10.40 -10.69 4.93
C LEU A 119 11.83 -10.20 4.67
N ARG A 133 -14.71 12.14 9.31
CA ARG A 133 -14.79 11.20 10.44
C ARG A 133 -13.49 11.15 11.25
N PRO A 134 -13.58 11.12 12.61
CA PRO A 134 -12.32 11.11 13.37
C PRO A 134 -11.56 9.79 13.27
N SER A 135 -10.25 9.88 13.47
CA SER A 135 -9.41 8.69 13.64
C SER A 135 -10.01 7.64 14.60
N SER A 136 -9.94 6.39 14.18
CA SER A 136 -10.18 5.24 15.06
C SER A 136 -8.89 4.52 15.54
N SER A 137 -7.72 5.12 15.38
CA SER A 137 -6.50 4.49 15.87
C SER A 137 -6.52 4.53 17.41
N GLU B 16 6.47 16.12 4.37
CA GLU B 16 7.11 15.09 5.30
C GLU B 16 6.77 15.20 6.81
N THR B 17 6.31 14.09 7.39
CA THR B 17 6.19 13.93 8.84
C THR B 17 6.68 12.56 9.38
N THR B 18 6.39 12.34 10.65
CA THR B 18 6.67 11.10 11.38
C THR B 18 5.32 10.48 11.67
N PHE B 19 5.15 9.17 11.44
CA PHE B 19 3.90 8.49 11.77
C PHE B 19 4.18 7.09 12.34
N GLN B 20 3.84 6.85 13.60
CA GLN B 20 4.07 5.53 14.23
C GLN B 20 5.50 5.00 13.92
N GLY B 21 6.47 5.87 14.12
CA GLY B 21 7.88 5.47 14.03
C GLY B 21 8.50 5.55 12.66
N LEU B 22 7.69 5.90 11.66
CA LEU B 22 8.12 6.01 10.27
C LEU B 22 8.18 7.46 9.82
N THR B 23 9.19 7.79 9.01
CA THR B 23 9.25 9.07 8.32
C THR B 23 8.50 8.87 7.02
N ILE B 24 7.53 9.74 6.72
CA ILE B 24 6.66 9.60 5.54
C ILE B 24 6.50 10.92 4.77
N ALA B 25 6.48 10.84 3.43
CA ALA B 25 6.20 12.00 2.58
C ALA B 25 5.38 11.53 1.40
N SER B 26 4.49 12.40 0.91
CA SER B 26 3.81 12.22 -0.40
C SER B 26 4.88 12.21 -1.48
N GLY B 27 4.72 11.32 -2.44
CA GLY B 27 5.63 11.24 -3.55
C GLY B 27 6.47 9.99 -3.58
N ALA B 28 7.20 9.87 -4.68
CA ALA B 28 8.11 8.72 -4.89
C ALA B 28 9.09 9.01 -5.99
N ARG B 29 10.24 8.35 -5.90
CA ARG B 29 11.16 8.34 -7.01
C ARG B 29 10.47 7.78 -8.28
N GLU B 30 10.89 8.35 -9.42
CA GLU B 30 10.18 8.13 -10.67
C GLU B 30 10.17 6.65 -11.04
N SER B 31 11.28 5.94 -10.81
CA SER B 31 11.37 4.52 -11.17
C SER B 31 10.30 3.70 -10.40
N GLU B 32 9.97 4.11 -9.18
CA GLU B 32 8.97 3.42 -8.39
C GLU B 32 7.57 3.69 -8.93
N LYS B 33 7.38 4.89 -9.35
CA LYS B 33 6.14 5.21 -10.07
C LYS B 33 5.98 4.46 -11.38
N VAL B 34 7.10 4.26 -12.07
CA VAL B 34 7.13 3.48 -13.32
C VAL B 34 6.76 2.04 -13.02
N PHE B 35 7.39 1.51 -11.99
CA PHE B 35 7.12 0.17 -11.57
C PHE B 35 5.66 -0.01 -11.26
N ALA B 36 5.09 0.92 -10.51
CA ALA B 36 3.65 0.87 -10.19
C ALA B 36 2.76 0.89 -11.45
N GLN B 37 3.10 1.76 -12.40
CA GLN B 37 2.37 1.91 -13.61
C GLN B 37 2.38 0.61 -14.36
N THR B 38 3.52 -0.08 -14.35
CA THR B 38 3.65 -1.39 -14.96
C THR B 38 2.75 -2.44 -14.33
N VAL B 39 2.79 -2.53 -13.01
CA VAL B 39 1.97 -3.51 -12.30
C VAL B 39 0.49 -3.21 -12.56
N LEU B 40 0.12 -1.92 -12.43
CA LEU B 40 -1.31 -1.58 -12.56
C LEU B 40 -1.82 -1.81 -13.96
N SER B 41 -0.92 -1.74 -14.97
CA SER B 41 -1.33 -1.91 -16.37
C SER B 41 -1.44 -3.37 -16.80
N HIS B 42 -1.01 -4.29 -15.94
CA HIS B 42 -1.04 -5.68 -16.26
C HIS B 42 -2.08 -6.45 -15.50
N VAL B 43 -2.85 -5.77 -14.64
CA VAL B 43 -3.97 -6.37 -14.01
C VAL B 43 -5.29 -6.01 -14.75
#